data_3E6D
#
_entry.id   3E6D
#
_cell.length_a   42.950
_cell.length_b   86.820
_cell.length_c   124.410
_cell.angle_alpha   90.00
_cell.angle_beta   90.00
_cell.angle_gamma   90.00
#
_symmetry.space_group_name_H-M   'P 21 21 21'
#
loop_
_entity.id
_entity.type
_entity.pdbx_description
1 polymer 'Cyclic nucleotide-binding protein'
2 water water
#
_entity_poly.entity_id   1
_entity_poly.type   'polypeptide(L)'
_entity_poly.pdbx_seq_one_letter_code
;MSVEGLGKDFCGAIIPDNFFPIEKLRNYTQMGLIRDFAKGSAVIMPGEEITSMIFLVEGKIKLDIIFEDGSEKLLYYAGG
NSLIGKLYPTGNNIYATAMEPTRTCWFSEKSLRTVFRTDEDMIFEIFKNYLTKVAYYARQVAEMNTYNPTIRILRLFYEL
CSSQGKRVGDTYEITMPLSQKSIGEITGVHHVTVSRVLASLKRENILDKKKNKIIVYNLGELKHLSEQTSYYSDPNSSSV
DKLAAALDHH
;
_entity_poly.pdbx_strand_id   A,B
#
# COMPACT_ATOMS: atom_id res chain seq x y z
N ASN A 18 -8.94 2.86 9.60
CA ASN A 18 -8.58 2.08 10.78
C ASN A 18 -7.40 2.71 11.54
N PHE A 19 -7.67 3.16 12.76
CA PHE A 19 -6.68 3.85 13.57
C PHE A 19 -5.81 2.89 14.38
N PHE A 20 -6.19 1.61 14.42
CA PHE A 20 -5.44 0.61 15.17
C PHE A 20 -5.08 1.11 16.57
N PRO A 21 -6.09 1.41 17.39
CA PRO A 21 -5.78 2.07 18.67
C PRO A 21 -5.16 1.13 19.68
N ILE A 22 -4.28 1.67 20.52
CA ILE A 22 -3.75 0.95 21.67
C ILE A 22 -3.96 1.81 22.92
N GLU A 23 -5.10 1.60 23.58
CA GLU A 23 -5.51 2.44 24.71
C GLU A 23 -4.56 2.37 25.89
N LYS A 24 -3.88 1.24 26.06
CA LYS A 24 -3.08 0.98 27.24
C LYS A 24 -1.85 1.89 27.40
N LEU A 25 -1.43 2.52 26.31
CA LEU A 25 -0.26 3.40 26.37
C LEU A 25 -0.55 4.70 27.12
N ARG A 26 -1.83 5.01 27.31
CA ARG A 26 -2.23 6.21 28.04
C ARG A 26 -1.81 6.13 29.50
N ASN A 27 -1.57 4.91 29.97
CA ASN A 27 -1.15 4.69 31.35
C ASN A 27 0.32 4.95 31.57
N TYR A 28 1.03 5.34 30.51
CA TYR A 28 2.48 5.48 30.57
C TYR A 28 3.01 6.72 29.89
N THR A 29 2.12 7.65 29.56
CA THR A 29 2.51 8.89 28.92
C THR A 29 3.41 9.77 29.82
N GLN A 30 3.50 9.42 31.10
CA GLN A 30 4.35 10.19 32.01
C GLN A 30 5.82 9.85 31.81
N MET A 31 6.08 8.90 30.92
CA MET A 31 7.44 8.43 30.71
C MET A 31 8.00 8.92 29.37
N GLY A 32 7.14 9.48 28.54
CA GLY A 32 7.57 10.07 27.29
C GLY A 32 7.53 11.59 27.35
N LEU A 33 7.68 12.23 26.19
CA LEU A 33 7.61 13.68 26.09
C LEU A 33 6.29 14.09 25.47
N ILE A 34 5.52 14.90 26.19
CA ILE A 34 4.26 15.42 25.67
C ILE A 34 4.51 16.48 24.60
N ARG A 35 3.74 16.44 23.52
CA ARG A 35 3.84 17.44 22.46
C ARG A 35 2.49 17.76 21.84
N ASP A 36 2.08 19.02 21.93
CA ASP A 36 0.83 19.45 21.30
C ASP A 36 1.06 20.14 19.97
N PHE A 37 0.16 19.87 19.01
CA PHE A 37 0.25 20.46 17.68
C PHE A 37 -1.05 21.15 17.29
N ALA A 38 -0.94 22.41 16.87
CA ALA A 38 -2.11 23.16 16.44
C ALA A 38 -2.44 22.80 15.00
N LYS A 39 -3.72 22.88 14.66
CA LYS A 39 -4.17 22.59 13.30
C LYS A 39 -3.26 23.25 12.27
N GLY A 40 -2.69 22.45 11.38
CA GLY A 40 -1.78 22.95 10.38
C GLY A 40 -0.34 22.63 10.68
N SER A 41 0.01 22.61 11.97
CA SER A 41 1.37 22.28 12.38
C SER A 41 1.87 21.00 11.72
N ALA A 42 3.18 20.95 11.51
CA ALA A 42 3.81 19.73 11.02
C ALA A 42 4.22 18.90 12.23
N VAL A 43 3.83 17.63 12.22
CA VAL A 43 4.25 16.70 13.26
C VAL A 43 5.58 16.09 12.87
N ILE A 44 5.75 15.91 11.55
CA ILE A 44 6.98 15.34 11.01
C ILE A 44 7.35 16.05 9.72
N MET A 45 8.45 16.78 9.75
CA MET A 45 8.99 17.44 8.56
C MET A 45 9.61 16.39 7.64
N PRO A 46 9.44 16.57 6.32
CA PRO A 46 10.04 15.63 5.37
C PRO A 46 11.56 15.69 5.46
N GLY A 47 12.21 14.55 5.51
CA GLY A 47 13.65 14.50 5.65
C GLY A 47 14.08 14.62 7.10
N GLU A 48 13.13 14.98 7.97
CA GLU A 48 13.39 15.04 9.39
C GLU A 48 13.54 13.65 9.99
N GLU A 49 14.67 13.42 10.66
CA GLU A 49 14.96 12.12 11.23
C GLU A 49 14.16 11.86 12.51
N ILE A 50 13.26 10.89 12.45
CA ILE A 50 12.45 10.52 13.61
C ILE A 50 12.97 9.25 14.25
N THR A 51 13.23 9.32 15.56
CA THR A 51 13.67 8.16 16.32
C THR A 51 12.74 7.93 17.51
N SER A 52 11.49 8.36 17.36
CA SER A 52 10.51 8.23 18.44
C SER A 52 9.17 7.69 17.95
N MET A 53 8.59 6.80 18.75
CA MET A 53 7.21 6.36 18.52
C MET A 53 6.31 7.49 18.97
N ILE A 54 5.32 7.82 18.16
CA ILE A 54 4.41 8.93 18.47
C ILE A 54 3.00 8.45 18.77
N PHE A 55 2.56 8.69 20.00
CA PHE A 55 1.26 8.22 20.48
C PHE A 55 0.22 9.33 20.45
N LEU A 56 -0.75 9.19 19.55
CA LEU A 56 -1.81 10.19 19.40
C LEU A 56 -2.90 10.00 20.45
N VAL A 57 -2.72 10.65 21.60
CA VAL A 57 -3.70 10.56 22.68
C VAL A 57 -4.98 11.34 22.38
N GLU A 58 -4.83 12.53 21.79
CA GLU A 58 -5.98 13.36 21.41
C GLU A 58 -5.76 14.01 20.06
N GLY A 59 -6.61 13.74 19.08
CA GLY A 59 -6.56 14.43 17.81
C GLY A 59 -6.73 13.60 16.55
N LYS A 60 -6.06 14.03 15.49
CA LYS A 60 -6.14 13.38 14.19
C LYS A 60 -5.00 13.89 13.31
N ILE A 61 -4.25 12.98 12.70
CA ILE A 61 -3.08 13.38 11.90
C ILE A 61 -3.11 12.77 10.49
N LYS A 62 -2.72 13.57 9.51
CA LYS A 62 -2.62 13.11 8.13
C LYS A 62 -1.17 12.81 7.76
N LEU A 63 -0.91 11.56 7.41
CA LEU A 63 0.43 11.17 6.98
C LEU A 63 0.49 11.03 5.48
N ASP A 64 1.37 11.82 4.86
CA ASP A 64 1.67 11.68 3.44
C ASP A 64 3.05 11.08 3.30
N ILE A 65 3.36 10.60 2.10
CA ILE A 65 4.67 10.04 1.83
C ILE A 65 5.25 10.53 0.51
N ILE A 66 6.34 11.29 0.60
CA ILE A 66 7.01 11.81 -0.59
C ILE A 66 7.95 10.75 -1.16
N PHE A 67 7.69 10.33 -2.39
CA PHE A 67 8.55 9.37 -3.06
C PHE A 67 9.80 10.04 -3.59
N GLU A 68 10.84 9.23 -3.81
CA GLU A 68 12.13 9.71 -4.29
C GLU A 68 12.00 10.53 -5.57
N ASP A 69 10.86 10.38 -6.26
CA ASP A 69 10.61 11.10 -7.49
C ASP A 69 9.94 12.45 -7.26
N GLY A 70 9.81 12.83 -5.99
CA GLY A 70 9.24 14.12 -5.63
C GLY A 70 7.73 14.13 -5.50
N SER A 71 7.09 13.06 -5.99
CA SER A 71 5.63 12.98 -5.97
C SER A 71 5.12 12.61 -4.59
N GLU A 72 3.89 13.02 -4.30
CA GLU A 72 3.30 12.79 -2.99
C GLU A 72 1.92 12.15 -3.09
N LYS A 73 1.68 11.15 -2.26
CA LYS A 73 0.38 10.51 -2.18
C LYS A 73 0.03 10.29 -0.70
N LEU A 74 -1.26 10.14 -0.41
CA LEU A 74 -1.69 9.86 0.95
C LEU A 74 -0.93 8.64 1.50
N LEU A 75 -0.91 8.51 2.82
CA LEU A 75 -0.33 7.32 3.45
C LEU A 75 -1.38 6.69 4.34
N TYR A 76 -1.50 7.19 5.57
CA TYR A 76 -2.67 6.88 6.40
C TYR A 76 -3.09 8.04 7.28
N TYR A 77 -4.25 7.89 7.89
CA TYR A 77 -4.77 8.88 8.83
C TYR A 77 -4.70 8.30 10.24
N ALA A 78 -3.92 8.93 11.10
CA ALA A 78 -3.82 8.51 12.49
C ALA A 78 -4.94 9.20 13.28
N GLY A 79 -5.40 8.56 14.34
CA GLY A 79 -6.45 9.11 15.17
C GLY A 79 -6.24 8.81 16.63
N GLY A 80 -7.31 8.93 17.41
CA GLY A 80 -7.26 8.66 18.84
C GLY A 80 -6.59 7.33 19.16
N ASN A 81 -5.52 7.39 19.93
CA ASN A 81 -4.80 6.21 20.38
C ASN A 81 -4.03 5.48 19.27
N SER A 82 -3.86 6.12 18.12
CA SER A 82 -3.01 5.59 17.07
C SER A 82 -1.55 5.68 17.50
N LEU A 83 -0.72 4.77 16.99
CA LEU A 83 0.69 4.79 17.30
C LEU A 83 1.49 4.85 16.02
N ILE A 84 2.15 5.98 15.80
CA ILE A 84 2.91 6.20 14.57
C ILE A 84 4.36 6.52 14.89
N GLY A 85 5.11 6.97 13.90
CA GLY A 85 6.51 7.28 14.11
C GLY A 85 7.35 6.02 14.03
N LYS A 86 8.59 6.10 14.50
CA LYS A 86 9.51 4.98 14.41
C LYS A 86 10.74 5.18 15.28
N LEU A 87 11.45 4.08 15.54
CA LEU A 87 12.69 4.12 16.31
C LEU A 87 13.91 4.07 15.39
N TYR A 88 13.70 3.59 14.17
CA TYR A 88 14.79 3.37 13.22
C TYR A 88 14.31 3.69 11.80
N PRO A 89 15.27 3.89 10.87
CA PRO A 89 14.95 4.10 9.46
C PRO A 89 13.98 3.06 8.89
N THR A 90 13.14 3.47 7.96
CA THR A 90 12.18 2.58 7.32
C THR A 90 12.23 2.72 5.79
N GLY A 91 12.78 3.82 5.31
CA GLY A 91 12.88 4.05 3.89
C GLY A 91 11.71 4.84 3.33
N ASN A 92 10.85 5.32 4.22
CA ASN A 92 9.70 6.13 3.82
C ASN A 92 9.85 7.58 4.26
N ASN A 93 10.09 8.47 3.32
CA ASN A 93 10.11 9.89 3.63
C ASN A 93 8.71 10.38 4.00
N ILE A 94 8.55 10.83 5.24
CA ILE A 94 7.23 11.11 5.79
C ILE A 94 6.98 12.58 6.08
N TYR A 95 5.83 13.08 5.63
CA TYR A 95 5.38 14.43 5.95
C TYR A 95 4.01 14.39 6.59
N ALA A 96 3.95 14.65 7.90
CA ALA A 96 2.71 14.56 8.65
C ALA A 96 2.28 15.92 9.20
N THR A 97 0.97 16.11 9.32
CA THR A 97 0.41 17.37 9.79
C THR A 97 -0.85 17.17 10.63
N ALA A 98 -0.97 17.96 11.69
CA ALA A 98 -2.16 17.94 12.52
C ALA A 98 -3.36 18.46 11.72
N MET A 99 -4.45 17.70 11.73
CA MET A 99 -5.65 18.09 11.02
C MET A 99 -6.64 18.79 11.95
N GLU A 100 -6.31 18.79 13.24
CA GLU A 100 -7.10 19.47 14.26
C GLU A 100 -6.21 19.58 15.49
N PRO A 101 -6.68 20.25 16.55
CA PRO A 101 -5.84 20.31 17.75
C PRO A 101 -5.53 18.90 18.22
N THR A 102 -4.24 18.58 18.35
CA THR A 102 -3.83 17.22 18.65
C THR A 102 -2.78 17.14 19.75
N ARG A 103 -2.99 16.25 20.70
CA ARG A 103 -2.02 15.98 21.75
C ARG A 103 -1.33 14.64 21.49
N THR A 104 0.00 14.64 21.59
CA THR A 104 0.77 13.42 21.40
C THR A 104 1.71 13.17 22.56
N CYS A 105 2.34 12.01 22.54
CA CYS A 105 3.37 11.66 23.51
C CYS A 105 4.49 10.95 22.77
N TRP A 106 5.68 11.54 22.79
CA TRP A 106 6.81 10.97 22.06
C TRP A 106 7.64 10.02 22.92
N PHE A 107 7.72 8.76 22.46
CA PHE A 107 8.45 7.72 23.18
C PHE A 107 9.75 7.36 22.48
N SER A 108 10.89 7.75 23.07
CA SER A 108 12.17 7.31 22.56
C SER A 108 12.40 5.87 22.96
N GLU A 109 13.42 5.24 22.39
CA GLU A 109 13.76 3.86 22.75
C GLU A 109 14.05 3.73 24.23
N LYS A 110 14.79 4.70 24.77
CA LYS A 110 15.13 4.72 26.19
C LYS A 110 13.89 4.79 27.09
N SER A 111 12.90 5.58 26.69
CA SER A 111 11.67 5.69 27.48
C SER A 111 10.86 4.40 27.43
N LEU A 112 10.93 3.72 26.28
CA LEU A 112 10.26 2.43 26.15
C LEU A 112 10.89 1.39 27.07
N ARG A 113 12.22 1.39 27.18
CA ARG A 113 12.89 0.45 28.07
C ARG A 113 12.36 0.66 29.49
N THR A 114 12.21 1.93 29.88
CA THR A 114 11.68 2.26 31.19
C THR A 114 10.27 1.70 31.36
N VAL A 115 9.42 1.92 30.36
CA VAL A 115 8.07 1.36 30.37
C VAL A 115 8.11 -0.16 30.54
N PHE A 116 8.84 -0.85 29.66
CA PHE A 116 8.89 -2.31 29.67
C PHE A 116 9.44 -2.87 30.98
N ARG A 117 10.39 -2.16 31.58
CA ARG A 117 10.96 -2.60 32.85
C ARG A 117 9.93 -2.53 33.98
N THR A 118 8.98 -1.61 33.86
CA THR A 118 7.92 -1.48 34.86
C THR A 118 6.80 -2.48 34.63
N ASP A 119 6.40 -2.61 33.36
CA ASP A 119 5.27 -3.47 33.00
C ASP A 119 5.60 -4.29 31.75
N GLU A 120 6.16 -5.47 31.97
CA GLU A 120 6.55 -6.36 30.88
C GLU A 120 5.42 -6.57 29.87
N ASP A 121 4.18 -6.51 30.34
CA ASP A 121 3.03 -6.79 29.49
C ASP A 121 2.88 -5.80 28.32
N MET A 122 3.34 -4.57 28.52
CA MET A 122 3.23 -3.54 27.49
C MET A 122 3.97 -3.93 26.20
N ILE A 123 5.06 -4.68 26.35
CA ILE A 123 5.77 -5.22 25.19
C ILE A 123 4.77 -5.88 24.25
N PHE A 124 3.94 -6.74 24.81
CA PHE A 124 3.03 -7.53 24.00
C PHE A 124 1.81 -6.74 23.52
N GLU A 125 1.45 -5.67 24.24
CA GLU A 125 0.41 -4.75 23.78
C GLU A 125 0.87 -4.08 22.48
N ILE A 126 2.10 -3.57 22.50
CA ILE A 126 2.67 -2.96 21.31
C ILE A 126 2.82 -3.98 20.18
N PHE A 127 3.30 -5.17 20.52
CA PHE A 127 3.50 -6.20 19.50
C PHE A 127 2.17 -6.65 18.89
N LYS A 128 1.13 -6.78 19.71
CA LYS A 128 -0.18 -7.14 19.21
C LYS A 128 -0.70 -6.08 18.24
N ASN A 129 -0.33 -4.83 18.51
CA ASN A 129 -0.73 -3.71 17.67
C ASN A 129 -0.15 -3.81 16.26
N TYR A 130 1.12 -4.16 16.17
CA TYR A 130 1.80 -4.27 14.88
C TYR A 130 1.45 -5.55 14.12
N LEU A 131 1.11 -6.60 14.85
CA LEU A 131 0.66 -7.84 14.21
C LEU A 131 -0.66 -7.59 13.49
N THR A 132 -1.52 -6.80 14.12
CA THR A 132 -2.81 -6.41 13.52
C THR A 132 -2.63 -5.55 12.26
N LYS A 133 -1.68 -4.62 12.29
CA LYS A 133 -1.41 -3.77 11.13
C LYS A 133 -0.86 -4.57 9.94
N VAL A 134 0.05 -5.49 10.22
CA VAL A 134 0.63 -6.31 9.17
C VAL A 134 -0.41 -7.26 8.59
N ALA A 135 -1.36 -7.67 9.42
CA ALA A 135 -2.45 -8.53 8.96
C ALA A 135 -3.30 -7.72 8.00
N TYR A 136 -3.64 -6.51 8.42
CA TYR A 136 -4.44 -5.60 7.63
C TYR A 136 -3.83 -5.36 6.24
N TYR A 137 -2.60 -4.86 6.22
CA TYR A 137 -1.96 -4.42 4.97
C TYR A 137 -1.66 -5.55 3.99
N ALA A 138 -1.18 -6.67 4.49
CA ALA A 138 -0.89 -7.82 3.63
C ALA A 138 -2.18 -8.30 2.96
N ARG A 139 -3.27 -8.28 3.73
CA ARG A 139 -4.57 -8.72 3.24
C ARG A 139 -5.10 -7.83 2.12
N GLN A 140 -4.82 -6.53 2.21
CA GLN A 140 -5.22 -5.58 1.18
C GLN A 140 -4.37 -5.81 -0.06
N VAL A 141 -3.06 -5.84 0.15
CA VAL A 141 -2.10 -6.04 -0.93
C VAL A 141 -2.21 -7.46 -1.48
N PRO A 149 -8.63 8.28 -5.10
CA PRO A 149 -9.54 7.58 -6.02
C PRO A 149 -10.14 8.58 -7.00
N THR A 150 -10.70 9.65 -6.46
CA THR A 150 -11.09 10.81 -7.25
C THR A 150 -9.91 11.27 -8.12
N ILE A 151 -8.70 11.16 -7.57
CA ILE A 151 -7.49 11.57 -8.28
C ILE A 151 -7.27 10.80 -9.58
N ARG A 152 -7.65 9.51 -9.59
CA ARG A 152 -7.49 8.70 -10.80
C ARG A 152 -8.26 9.32 -11.97
N ILE A 153 -9.47 9.76 -11.70
CA ILE A 153 -10.33 10.37 -12.71
C ILE A 153 -9.75 11.71 -13.19
N LEU A 154 -9.20 12.49 -12.26
CA LEU A 154 -8.59 13.77 -12.60
C LEU A 154 -7.34 13.57 -13.47
N ARG A 155 -6.55 12.56 -13.13
CA ARG A 155 -5.33 12.22 -13.87
C ARG A 155 -5.66 11.76 -15.29
N LEU A 156 -6.76 11.04 -15.44
CA LEU A 156 -7.20 10.61 -16.76
C LEU A 156 -7.52 11.82 -17.63
N PHE A 157 -8.37 12.71 -17.12
CA PHE A 157 -8.75 13.88 -17.89
C PHE A 157 -7.53 14.73 -18.24
N TYR A 158 -6.60 14.87 -17.29
CA TYR A 158 -5.42 15.70 -17.53
C TYR A 158 -4.50 15.15 -18.60
N GLU A 159 -4.24 13.85 -18.56
CA GLU A 159 -3.41 13.20 -19.58
C GLU A 159 -4.06 13.31 -20.95
N LEU A 160 -5.38 13.12 -21.00
CA LEU A 160 -6.14 13.26 -22.24
C LEU A 160 -6.06 14.69 -22.78
N CYS A 161 -6.19 15.66 -21.90
CA CYS A 161 -6.23 17.05 -22.32
C CYS A 161 -4.88 17.56 -22.83
N SER A 162 -3.80 17.17 -22.17
CA SER A 162 -2.48 17.69 -22.52
C SER A 162 -1.94 17.08 -23.80
N SER A 163 -2.43 15.89 -24.17
CA SER A 163 -1.92 15.19 -25.35
C SER A 163 -2.90 15.22 -26.52
N GLN A 164 -4.19 15.28 -26.20
CA GLN A 164 -5.24 15.18 -27.22
C GLN A 164 -5.97 16.49 -27.43
N GLY A 165 -5.80 17.43 -26.51
CA GLY A 165 -6.62 18.63 -26.51
C GLY A 165 -6.13 19.76 -27.38
N LYS A 166 -7.08 20.48 -27.98
CA LYS A 166 -6.76 21.63 -28.82
C LYS A 166 -7.21 22.94 -28.18
N ARG A 167 -6.27 23.86 -28.00
CA ARG A 167 -6.56 25.13 -27.37
C ARG A 167 -7.57 25.93 -28.17
N VAL A 168 -8.59 26.41 -27.48
CA VAL A 168 -9.62 27.27 -28.07
C VAL A 168 -9.83 28.43 -27.11
N GLY A 169 -9.21 29.57 -27.41
CA GLY A 169 -9.23 30.71 -26.51
C GLY A 169 -8.62 30.35 -25.16
N ASP A 170 -9.39 30.55 -24.10
CA ASP A 170 -8.94 30.21 -22.75
C ASP A 170 -9.47 28.83 -22.35
N THR A 171 -9.66 27.95 -23.33
CA THR A 171 -10.15 26.60 -23.07
C THR A 171 -9.37 25.57 -23.87
N TYR A 172 -9.71 24.30 -23.65
CA TYR A 172 -9.18 23.19 -24.44
C TYR A 172 -10.32 22.24 -24.82
N GLU A 173 -10.33 21.78 -26.06
CA GLU A 173 -11.35 20.85 -26.51
C GLU A 173 -10.74 19.52 -26.93
N ILE A 174 -11.37 18.45 -26.47
CA ILE A 174 -10.96 17.10 -26.84
C ILE A 174 -12.15 16.42 -27.50
N THR A 175 -11.98 15.99 -28.74
CA THR A 175 -13.05 15.30 -29.44
C THR A 175 -12.90 13.81 -29.28
N MET A 176 -13.82 13.22 -28.53
CA MET A 176 -13.81 11.81 -28.25
C MET A 176 -14.98 11.51 -27.32
N PRO A 177 -15.63 10.36 -27.52
CA PRO A 177 -16.62 9.96 -26.52
C PRO A 177 -15.87 9.38 -25.34
N LEU A 178 -16.54 9.27 -24.20
CA LEU A 178 -15.94 8.73 -22.98
C LEU A 178 -17.02 8.69 -21.92
N SER A 179 -17.76 7.60 -21.92
CA SER A 179 -18.91 7.45 -21.03
C SER A 179 -18.46 7.41 -19.57
N GLN A 180 -19.39 7.73 -18.67
CA GLN A 180 -19.11 7.60 -17.24
C GLN A 180 -18.82 6.14 -16.92
N LYS A 181 -19.52 5.24 -17.61
CA LYS A 181 -19.30 3.81 -17.42
C LYS A 181 -17.86 3.43 -17.77
N SER A 182 -17.35 3.96 -18.88
CA SER A 182 -15.97 3.70 -19.29
C SER A 182 -14.97 4.27 -18.29
N ILE A 183 -15.21 5.50 -17.86
CA ILE A 183 -14.33 6.14 -16.89
C ILE A 183 -14.20 5.28 -15.63
N GLY A 184 -15.32 4.69 -15.20
CA GLY A 184 -15.33 3.80 -14.05
C GLY A 184 -14.56 2.51 -14.27
N GLU A 185 -14.75 1.91 -15.44
CA GLU A 185 -14.07 0.66 -15.79
C GLU A 185 -12.54 0.86 -15.91
N ILE A 186 -12.14 2.04 -16.37
CA ILE A 186 -10.72 2.35 -16.57
C ILE A 186 -10.02 2.67 -15.26
N THR A 187 -10.69 3.42 -14.38
CA THR A 187 -10.07 3.86 -13.14
C THR A 187 -10.38 2.94 -11.97
N GLY A 188 -11.40 2.09 -12.13
CA GLY A 188 -11.83 1.22 -11.06
C GLY A 188 -12.57 1.97 -9.96
N VAL A 189 -12.98 3.21 -10.26
CA VAL A 189 -13.71 4.01 -9.30
C VAL A 189 -15.21 3.73 -9.35
N HIS A 190 -15.80 3.55 -8.17
CA HIS A 190 -17.24 3.29 -8.04
C HIS A 190 -18.06 4.33 -8.81
N HIS A 191 -19.08 3.87 -9.53
CA HIS A 191 -19.87 4.75 -10.39
C HIS A 191 -20.49 5.96 -9.69
N VAL A 192 -20.92 5.80 -8.44
CA VAL A 192 -21.46 6.93 -7.69
C VAL A 192 -20.39 8.01 -7.51
N THR A 193 -19.16 7.60 -7.24
CA THR A 193 -18.06 8.56 -7.15
C THR A 193 -17.79 9.29 -8.48
N VAL A 194 -17.87 8.55 -9.60
CA VAL A 194 -17.71 9.14 -10.92
C VAL A 194 -18.82 10.16 -11.17
N SER A 195 -20.03 9.75 -10.83
CA SER A 195 -21.21 10.58 -10.94
C SER A 195 -20.95 11.93 -10.31
N ARG A 196 -20.37 11.89 -9.11
CA ARG A 196 -20.18 13.08 -8.29
C ARG A 196 -19.01 13.93 -8.73
N VAL A 197 -17.92 13.29 -9.17
CA VAL A 197 -16.75 14.03 -9.65
C VAL A 197 -17.09 14.85 -10.91
N LEU A 198 -17.79 14.21 -11.85
CA LEU A 198 -18.19 14.87 -13.10
C LEU A 198 -19.15 16.03 -12.83
N ALA A 199 -20.14 15.79 -11.96
CA ALA A 199 -21.08 16.84 -11.58
C ALA A 199 -20.37 18.05 -10.99
N SER A 200 -19.36 17.82 -10.17
CA SER A 200 -18.72 18.94 -9.50
C SER A 200 -17.70 19.66 -10.40
N LEU A 201 -16.99 18.91 -11.24
CA LEU A 201 -16.11 19.51 -12.25
C LEU A 201 -16.91 20.50 -13.11
N LYS A 202 -18.13 20.11 -13.46
CA LYS A 202 -19.01 20.94 -14.26
C LYS A 202 -19.49 22.19 -13.51
N ARG A 203 -20.00 21.98 -12.30
CA ARG A 203 -20.46 23.07 -11.45
C ARG A 203 -19.34 24.11 -11.27
N GLU A 204 -18.14 23.62 -10.98
CA GLU A 204 -16.99 24.49 -10.72
C GLU A 204 -16.36 25.10 -11.98
N ASN A 205 -16.97 24.89 -13.13
CA ASN A 205 -16.48 25.48 -14.37
C ASN A 205 -15.06 25.04 -14.73
N ILE A 206 -14.71 23.81 -14.36
CA ILE A 206 -13.40 23.28 -14.65
C ILE A 206 -13.45 22.44 -15.92
N LEU A 207 -14.48 21.61 -16.03
CA LEU A 207 -14.58 20.67 -17.13
C LEU A 207 -16.03 20.23 -17.36
N ASP A 208 -16.44 20.20 -18.63
CA ASP A 208 -17.78 19.77 -19.01
C ASP A 208 -17.69 18.79 -20.18
N LYS A 209 -18.47 17.71 -20.10
CA LYS A 209 -18.52 16.72 -21.18
C LYS A 209 -19.83 16.85 -21.95
N LYS A 210 -19.77 17.45 -23.13
CA LYS A 210 -20.97 17.69 -23.94
C LYS A 210 -21.04 16.68 -25.07
N LYS A 211 -21.94 15.70 -24.94
CA LYS A 211 -22.03 14.59 -25.88
C LYS A 211 -20.65 13.98 -26.06
N ASN A 212 -20.12 14.01 -27.28
CA ASN A 212 -18.81 13.46 -27.58
C ASN A 212 -17.69 14.51 -27.61
N LYS A 213 -17.85 15.57 -26.83
CA LYS A 213 -16.85 16.61 -26.77
C LYS A 213 -16.55 16.96 -25.32
N ILE A 214 -15.26 16.94 -24.96
CA ILE A 214 -14.84 17.34 -23.64
C ILE A 214 -14.23 18.74 -23.68
N ILE A 215 -14.76 19.62 -22.85
CA ILE A 215 -14.27 20.99 -22.79
C ILE A 215 -13.63 21.25 -21.44
N VAL A 216 -12.36 21.62 -21.46
CA VAL A 216 -11.66 22.01 -20.24
C VAL A 216 -11.55 23.53 -20.15
N TYR A 217 -12.23 24.12 -19.18
CA TYR A 217 -12.24 25.56 -19.02
C TYR A 217 -11.07 26.03 -18.16
N ASN A 218 -10.65 25.18 -17.22
CA ASN A 218 -9.60 25.55 -16.29
C ASN A 218 -8.59 24.42 -16.15
N LEU A 219 -7.67 24.35 -17.11
CA LEU A 219 -6.65 23.31 -17.13
C LEU A 219 -5.75 23.40 -15.89
N GLY A 220 -5.42 24.62 -15.49
CA GLY A 220 -4.58 24.84 -14.32
C GLY A 220 -5.19 24.25 -13.06
N GLU A 221 -6.47 24.53 -12.84
CA GLU A 221 -7.16 23.97 -11.68
C GLU A 221 -7.24 22.45 -11.82
N LEU A 222 -7.33 21.97 -13.06
CA LEU A 222 -7.38 20.53 -13.30
C LEU A 222 -6.05 19.88 -12.94
N LYS A 223 -4.96 20.53 -13.31
CA LYS A 223 -3.63 19.99 -13.04
C LYS A 223 -3.32 20.01 -11.55
N HIS A 224 -3.74 21.07 -10.86
CA HIS A 224 -3.50 21.22 -9.43
C HIS A 224 -4.30 20.20 -8.62
N LEU A 225 -5.52 19.93 -9.07
CA LEU A 225 -6.38 18.97 -8.37
C LEU A 225 -5.89 17.52 -8.51
N SER A 226 -5.31 17.20 -9.67
CA SER A 226 -4.93 15.82 -9.99
C SER A 226 -3.79 15.29 -9.12
N PHE B 19 11.90 -11.14 2.40
CA PHE B 19 11.89 -12.06 3.55
C PHE B 19 11.82 -11.34 4.90
N PHE B 20 12.34 -10.12 4.95
CA PHE B 20 12.43 -9.35 6.20
C PHE B 20 13.16 -10.15 7.29
N PRO B 21 14.44 -10.48 7.05
CA PRO B 21 15.19 -11.39 7.92
C PRO B 21 15.38 -10.81 9.32
N ILE B 22 15.30 -11.69 10.32
CA ILE B 22 15.62 -11.32 11.70
C ILE B 22 16.66 -12.33 12.20
N GLU B 23 17.89 -12.14 11.73
CA GLU B 23 18.98 -13.09 11.94
C GLU B 23 19.32 -13.32 13.41
N LYS B 24 19.23 -12.28 14.22
CA LYS B 24 19.63 -12.38 15.62
C LYS B 24 18.86 -13.45 16.38
N LEU B 25 17.66 -13.77 15.89
CA LEU B 25 16.77 -14.70 16.57
C LEU B 25 17.32 -16.12 16.57
N ARG B 26 18.22 -16.42 15.64
CA ARG B 26 18.86 -17.72 15.58
C ARG B 26 19.58 -18.04 16.89
N ASN B 27 20.00 -16.99 17.58
CA ASN B 27 20.73 -17.14 18.83
C ASN B 27 19.84 -17.60 19.98
N TYR B 28 18.52 -17.67 19.75
CA TYR B 28 17.58 -17.96 20.84
C TYR B 28 16.62 -19.12 20.58
N THR B 29 16.89 -19.92 19.55
CA THR B 29 15.98 -21.02 19.22
C THR B 29 15.89 -22.07 20.33
N GLN B 30 16.90 -22.14 21.18
CA GLN B 30 16.90 -23.12 22.26
C GLN B 30 15.79 -22.88 23.29
N MET B 31 15.18 -21.70 23.21
CA MET B 31 14.08 -21.35 24.12
C MET B 31 12.72 -21.58 23.47
N GLY B 32 12.70 -21.86 22.18
CA GLY B 32 11.47 -22.19 21.49
C GLY B 32 11.35 -23.67 21.25
N LEU B 33 10.43 -24.06 20.38
CA LEU B 33 10.23 -25.46 20.03
C LEU B 33 10.52 -25.70 18.55
N ILE B 34 11.48 -26.56 18.26
CA ILE B 34 11.85 -26.86 16.87
C ILE B 34 10.85 -27.80 16.22
N ARG B 35 10.32 -27.42 15.06
CA ARG B 35 9.44 -28.31 14.29
C ARG B 35 9.90 -28.38 12.84
N ASP B 36 10.11 -29.60 12.35
CA ASP B 36 10.57 -29.83 10.98
C ASP B 36 9.42 -30.25 10.05
N PHE B 37 9.43 -29.71 8.83
CA PHE B 37 8.35 -29.97 7.87
C PHE B 37 8.90 -30.45 6.53
N ALA B 38 8.41 -31.60 6.08
CA ALA B 38 8.79 -32.14 4.78
C ALA B 38 8.18 -31.29 3.68
N LYS B 39 8.79 -31.35 2.50
CA LYS B 39 8.27 -30.62 1.35
C LYS B 39 6.80 -30.91 1.15
N GLY B 40 6.00 -29.86 0.95
CA GLY B 40 4.57 -30.01 0.69
C GLY B 40 3.71 -30.11 1.93
N SER B 41 4.32 -30.38 3.08
CA SER B 41 3.57 -30.52 4.32
C SER B 41 3.11 -29.17 4.84
N ALA B 42 1.96 -29.16 5.50
CA ALA B 42 1.36 -27.93 6.01
C ALA B 42 2.03 -27.44 7.29
N VAL B 43 2.52 -26.22 7.26
CA VAL B 43 3.11 -25.57 8.43
C VAL B 43 1.97 -24.97 9.26
N ILE B 44 1.01 -24.39 8.56
CA ILE B 44 -0.20 -23.85 9.18
C ILE B 44 -1.40 -24.42 8.44
N MET B 45 -2.25 -25.16 9.15
CA MET B 45 -3.43 -25.77 8.55
C MET B 45 -4.55 -24.75 8.40
N PRO B 46 -5.41 -24.93 7.38
CA PRO B 46 -6.52 -24.00 7.18
C PRO B 46 -7.41 -23.98 8.42
N GLY B 47 -7.78 -22.79 8.88
CA GLY B 47 -8.62 -22.68 10.05
C GLY B 47 -7.85 -22.87 11.35
N GLU B 48 -6.60 -23.31 11.25
CA GLU B 48 -5.80 -23.51 12.44
C GLU B 48 -5.64 -22.20 13.19
N GLU B 49 -5.55 -22.31 14.51
CA GLU B 49 -5.47 -21.15 15.38
C GLU B 49 -4.06 -20.96 15.93
N ILE B 50 -3.31 -20.05 15.32
CA ILE B 50 -1.90 -19.84 15.67
C ILE B 50 -1.73 -18.88 16.85
N THR B 51 -1.02 -19.34 17.88
CA THR B 51 -0.68 -18.47 19.00
C THR B 51 0.82 -18.38 19.26
N SER B 52 1.62 -18.86 18.30
CA SER B 52 3.07 -18.76 18.40
C SER B 52 3.64 -18.02 17.19
N MET B 53 4.76 -17.33 17.39
CA MET B 53 5.52 -16.78 16.29
C MET B 53 6.32 -17.94 15.69
N ILE B 54 6.45 -17.96 14.37
CA ILE B 54 7.13 -19.05 13.69
C ILE B 54 8.40 -18.53 13.01
N PHE B 55 9.54 -18.90 13.56
CA PHE B 55 10.83 -18.50 13.03
C PHE B 55 11.33 -19.54 12.02
N LEU B 56 11.59 -19.09 10.80
CA LEU B 56 12.08 -19.96 9.73
C LEU B 56 13.61 -20.00 9.77
N VAL B 57 14.17 -21.06 10.34
CA VAL B 57 15.63 -21.16 10.42
C VAL B 57 16.29 -21.69 9.13
N GLU B 58 15.59 -22.56 8.40
CA GLU B 58 16.04 -22.99 7.07
C GLU B 58 14.87 -23.50 6.25
N GLY B 59 14.82 -23.12 4.97
CA GLY B 59 13.77 -23.57 4.08
C GLY B 59 12.98 -22.45 3.43
N LYS B 60 11.78 -22.77 2.96
CA LYS B 60 10.90 -21.78 2.33
C LYS B 60 9.43 -22.15 2.52
N ILE B 61 8.61 -21.13 2.78
CA ILE B 61 7.20 -21.35 3.08
C ILE B 61 6.28 -20.41 2.31
N LYS B 62 5.29 -21.00 1.63
CA LYS B 62 4.27 -20.24 0.93
C LYS B 62 3.10 -20.01 1.85
N LEU B 63 2.65 -18.75 1.95
CA LEU B 63 1.52 -18.41 2.81
C LEU B 63 0.35 -17.88 2.01
N ASP B 64 -0.66 -18.71 1.78
CA ASP B 64 -1.87 -18.26 1.11
C ASP B 64 -2.85 -17.74 2.14
N ILE B 65 -3.74 -16.85 1.73
CA ILE B 65 -4.82 -16.39 2.58
C ILE B 65 -6.14 -16.93 2.04
N ILE B 66 -7.07 -17.20 2.95
CA ILE B 66 -8.36 -17.77 2.59
C ILE B 66 -9.51 -16.84 2.99
N PHE B 67 -10.09 -16.16 2.00
CA PHE B 67 -11.21 -15.25 2.25
C PHE B 67 -12.49 -16.04 2.48
N GLU B 68 -13.53 -15.39 2.99
CA GLU B 68 -14.71 -16.09 3.50
C GLU B 68 -15.57 -16.83 2.47
N ASP B 69 -15.51 -16.44 1.21
CA ASP B 69 -16.28 -17.14 0.18
C ASP B 69 -15.69 -18.51 -0.10
N GLY B 70 -14.38 -18.66 0.13
CA GLY B 70 -13.71 -19.93 -0.09
C GLY B 70 -12.51 -19.80 -1.01
N SER B 71 -12.25 -18.57 -1.47
CA SER B 71 -11.16 -18.31 -2.40
C SER B 71 -9.81 -18.29 -1.68
N GLU B 72 -8.74 -18.47 -2.45
CA GLU B 72 -7.41 -18.75 -1.92
C GLU B 72 -6.34 -17.94 -2.67
N LYS B 73 -5.73 -16.98 -2.00
CA LYS B 73 -4.78 -16.07 -2.66
C LYS B 73 -3.43 -16.04 -1.97
N LEU B 74 -2.35 -16.04 -2.76
CA LEU B 74 -0.99 -16.02 -2.22
C LEU B 74 -0.73 -14.71 -1.46
N LEU B 75 -0.31 -14.84 -0.21
CA LEU B 75 -0.14 -13.68 0.66
C LEU B 75 1.29 -13.15 0.58
N TYR B 76 2.24 -14.03 0.90
CA TYR B 76 3.66 -13.77 0.65
C TYR B 76 4.47 -15.03 0.88
N TYR B 77 5.67 -15.10 0.29
CA TYR B 77 6.59 -16.19 0.57
C TYR B 77 7.40 -15.85 1.82
N ALA B 78 8.03 -16.86 2.40
CA ALA B 78 8.91 -16.66 3.54
C ALA B 78 10.15 -17.52 3.37
N GLY B 79 11.29 -17.02 3.82
CA GLY B 79 12.54 -17.74 3.65
C GLY B 79 13.41 -17.71 4.88
N GLY B 80 14.67 -18.12 4.70
CA GLY B 80 15.63 -18.18 5.80
C GLY B 80 15.61 -16.95 6.69
N ASN B 81 15.44 -17.18 7.98
CA ASN B 81 15.43 -16.11 8.98
C ASN B 81 14.16 -15.24 9.02
N SER B 82 13.14 -15.63 8.26
CA SER B 82 11.87 -14.93 8.30
C SER B 82 11.14 -15.23 9.61
N LEU B 83 10.29 -14.30 10.03
CA LEU B 83 9.47 -14.51 11.21
C LEU B 83 8.02 -14.39 10.80
N ILE B 84 7.28 -15.50 10.89
CA ILE B 84 5.85 -15.46 10.58
C ILE B 84 5.03 -15.91 11.79
N GLY B 85 3.75 -16.18 11.56
CA GLY B 85 2.88 -16.57 12.64
C GLY B 85 2.36 -15.38 13.42
N LYS B 86 1.89 -15.63 14.65
CA LYS B 86 1.25 -14.59 15.46
C LYS B 86 0.97 -15.09 16.87
N LEU B 87 0.59 -14.17 17.75
CA LEU B 87 0.32 -14.54 19.14
C LEU B 87 -1.18 -14.48 19.46
N TYR B 88 -1.92 -13.70 18.69
CA TYR B 88 -3.33 -13.46 18.95
C TYR B 88 -4.12 -13.51 17.64
N PRO B 89 -5.46 -13.65 17.74
CA PRO B 89 -6.30 -13.71 16.54
C PRO B 89 -6.25 -12.44 15.69
N THR B 90 -6.33 -12.58 14.37
CA THR B 90 -6.30 -11.43 13.47
C THR B 90 -7.50 -11.38 12.52
N GLY B 91 -8.14 -12.52 12.30
CA GLY B 91 -9.27 -12.59 11.39
C GLY B 91 -8.85 -12.93 9.97
N ASN B 92 -7.56 -13.19 9.80
CA ASN B 92 -7.04 -13.71 8.54
C ASN B 92 -6.91 -15.22 8.65
N ASN B 93 -7.51 -15.96 7.73
CA ASN B 93 -7.27 -17.40 7.70
C ASN B 93 -6.05 -17.73 6.84
N ILE B 94 -5.07 -18.38 7.46
CA ILE B 94 -3.81 -18.65 6.81
C ILE B 94 -3.60 -20.15 6.55
N TYR B 95 -3.15 -20.46 5.35
CA TYR B 95 -2.75 -21.81 4.99
C TYR B 95 -1.32 -21.74 4.48
N ALA B 96 -0.37 -22.26 5.27
CA ALA B 96 1.04 -22.15 4.93
C ALA B 96 1.66 -23.50 4.57
N THR B 97 2.47 -23.49 3.52
CA THR B 97 3.02 -24.73 2.97
C THR B 97 4.54 -24.68 2.78
N ALA B 98 5.22 -25.72 3.23
CA ALA B 98 6.67 -25.82 3.06
C ALA B 98 7.02 -26.20 1.62
N MET B 99 7.79 -25.34 0.96
CA MET B 99 8.19 -25.55 -0.44
C MET B 99 9.37 -26.51 -0.56
N GLU B 100 10.00 -26.81 0.57
CA GLU B 100 11.20 -27.63 0.61
C GLU B 100 11.42 -28.08 2.04
N PRO B 101 12.30 -29.06 2.26
CA PRO B 101 12.58 -29.40 3.66
C PRO B 101 12.81 -28.12 4.45
N THR B 102 12.10 -27.96 5.55
CA THR B 102 12.14 -26.70 6.29
C THR B 102 12.20 -26.93 7.78
N ARG B 103 13.11 -26.22 8.44
CA ARG B 103 13.20 -26.25 9.90
C ARG B 103 12.67 -24.94 10.50
N THR B 104 11.75 -25.07 11.45
CA THR B 104 11.18 -23.89 12.10
C THR B 104 11.40 -23.94 13.60
N CYS B 105 11.23 -22.79 14.25
CA CYS B 105 11.25 -22.71 15.70
C CYS B 105 10.03 -21.90 16.10
N TRP B 106 9.14 -22.53 16.88
CA TRP B 106 7.92 -21.87 17.33
C TRP B 106 8.13 -21.20 18.71
N PHE B 107 7.72 -19.94 18.81
CA PHE B 107 7.88 -19.16 20.03
C PHE B 107 6.52 -18.73 20.59
N SER B 108 6.07 -19.37 21.66
CA SER B 108 4.88 -18.92 22.37
C SER B 108 5.16 -17.58 23.05
N GLU B 109 4.13 -16.97 23.62
CA GLU B 109 4.32 -15.71 24.34
C GLU B 109 5.19 -15.95 25.58
N LYS B 110 4.99 -17.08 26.23
CA LYS B 110 5.80 -17.42 27.39
C LYS B 110 7.29 -17.53 27.04
N SER B 111 7.61 -18.22 25.94
CA SER B 111 9.01 -18.38 25.55
C SER B 111 9.63 -17.05 25.11
N LEU B 112 8.82 -16.15 24.55
CA LEU B 112 9.33 -14.82 24.20
C LEU B 112 9.68 -13.99 25.43
N ARG B 113 8.89 -14.13 26.49
CA ARG B 113 9.22 -13.46 27.74
C ARG B 113 10.58 -13.95 28.24
N THR B 114 10.81 -15.25 28.13
CA THR B 114 12.07 -15.84 28.51
C THR B 114 13.20 -15.27 27.66
N VAL B 115 12.97 -15.20 26.36
CA VAL B 115 13.96 -14.60 25.46
C VAL B 115 14.29 -13.17 25.89
N PHE B 116 13.25 -12.36 26.08
CA PHE B 116 13.43 -10.95 26.41
C PHE B 116 14.13 -10.73 27.75
N ARG B 117 13.87 -11.60 28.72
CA ARG B 117 14.50 -11.49 30.03
C ARG B 117 16.00 -11.81 29.98
N THR B 118 16.38 -12.58 28.97
CA THR B 118 17.80 -12.86 28.73
C THR B 118 18.49 -11.74 27.95
N ASP B 119 17.75 -11.10 27.06
CA ASP B 119 18.31 -10.07 26.19
C ASP B 119 17.25 -9.04 25.85
N GLU B 120 17.29 -7.90 26.54
CA GLU B 120 16.32 -6.82 26.34
C GLU B 120 16.29 -6.28 24.90
N ASP B 121 17.44 -6.28 24.23
CA ASP B 121 17.50 -5.76 22.87
C ASP B 121 16.67 -6.57 21.89
N MET B 122 16.38 -7.81 22.24
CA MET B 122 15.57 -8.66 21.36
C MET B 122 14.14 -8.13 21.26
N ILE B 123 13.69 -7.39 22.26
CA ILE B 123 12.39 -6.74 22.15
C ILE B 123 12.42 -5.80 20.96
N PHE B 124 13.47 -5.00 20.87
CA PHE B 124 13.58 -3.98 19.84
C PHE B 124 13.96 -4.54 18.47
N GLU B 125 14.63 -5.69 18.44
CA GLU B 125 14.89 -6.38 17.18
C GLU B 125 13.57 -6.81 16.54
N ILE B 126 12.66 -7.31 17.35
CA ILE B 126 11.34 -7.73 16.84
C ILE B 126 10.49 -6.52 16.44
N PHE B 127 10.63 -5.43 17.17
CA PHE B 127 9.88 -4.21 16.87
C PHE B 127 10.28 -3.67 15.52
N LYS B 128 11.59 -3.53 15.35
CA LYS B 128 12.17 -3.03 14.11
C LYS B 128 11.67 -3.85 12.94
N ASN B 129 11.69 -5.17 13.10
CA ASN B 129 11.22 -6.06 12.05
C ASN B 129 9.79 -5.73 11.66
N TYR B 130 8.94 -5.49 12.64
CA TYR B 130 7.54 -5.26 12.34
C TYR B 130 7.23 -3.84 11.87
N LEU B 131 7.99 -2.86 12.38
CA LEU B 131 7.94 -1.51 11.85
C LEU B 131 8.31 -1.53 10.37
N THR B 132 9.39 -2.23 10.05
CA THR B 132 9.85 -2.31 8.67
C THR B 132 8.80 -2.95 7.78
N LYS B 133 8.17 -4.02 8.29
CA LYS B 133 7.12 -4.73 7.55
C LYS B 133 5.92 -3.83 7.25
N VAL B 134 5.39 -3.19 8.29
CA VAL B 134 4.29 -2.26 8.13
C VAL B 134 4.61 -1.13 7.13
N ALA B 135 5.83 -0.59 7.22
CA ALA B 135 6.24 0.51 6.35
C ALA B 135 6.26 0.09 4.88
N TYR B 136 6.67 -1.14 4.62
CA TYR B 136 6.69 -1.65 3.26
C TYR B 136 5.28 -1.73 2.69
N TYR B 137 4.40 -2.45 3.38
CA TYR B 137 3.02 -2.63 2.93
C TYR B 137 2.26 -1.31 2.80
N ALA B 138 2.42 -0.43 3.79
CA ALA B 138 1.80 0.89 3.73
C ALA B 138 2.24 1.61 2.46
N ARG B 139 3.54 1.53 2.18
CA ARG B 139 4.13 2.18 1.02
C ARG B 139 3.53 1.68 -0.29
N GLN B 140 3.24 0.38 -0.35
CA GLN B 140 2.61 -0.20 -1.53
C GLN B 140 1.18 0.31 -1.67
N VAL B 141 0.54 0.56 -0.54
CA VAL B 141 -0.82 1.10 -0.52
C VAL B 141 -0.81 2.62 -0.36
N PRO B 149 -8.00 -5.82 -12.47
CA PRO B 149 -7.14 -4.64 -12.34
C PRO B 149 -6.26 -4.50 -13.57
N THR B 150 -5.68 -5.61 -14.00
CA THR B 150 -4.94 -5.67 -15.26
C THR B 150 -5.91 -5.39 -16.40
N ILE B 151 -7.16 -5.78 -16.21
CA ILE B 151 -8.20 -5.51 -17.19
C ILE B 151 -8.37 -4.01 -17.43
N ARG B 152 -8.10 -3.22 -16.38
CA ARG B 152 -8.22 -1.77 -16.47
C ARG B 152 -7.21 -1.19 -17.44
N ILE B 153 -5.99 -1.74 -17.43
CA ILE B 153 -4.97 -1.28 -18.36
C ILE B 153 -5.39 -1.56 -19.79
N LEU B 154 -5.97 -2.75 -20.01
CA LEU B 154 -6.45 -3.12 -21.33
C LEU B 154 -7.58 -2.21 -21.80
N ARG B 155 -8.50 -1.89 -20.88
CA ARG B 155 -9.61 -0.98 -21.18
C ARG B 155 -9.09 0.41 -21.58
N LEU B 156 -8.06 0.86 -20.87
CA LEU B 156 -7.47 2.15 -21.15
C LEU B 156 -6.92 2.20 -22.58
N PHE B 157 -6.10 1.21 -22.93
CA PHE B 157 -5.50 1.14 -24.25
C PHE B 157 -6.57 1.03 -25.34
N TYR B 158 -7.61 0.23 -25.09
CA TYR B 158 -8.65 0.07 -26.10
C TYR B 158 -9.40 1.37 -26.32
N GLU B 159 -9.73 2.05 -25.24
CA GLU B 159 -10.45 3.31 -25.31
C GLU B 159 -9.61 4.31 -26.10
N LEU B 160 -8.34 4.41 -25.76
CA LEU B 160 -7.40 5.28 -26.45
C LEU B 160 -7.30 4.96 -27.93
N CYS B 161 -7.21 3.67 -28.26
CA CYS B 161 -7.04 3.28 -29.65
C CYS B 161 -8.27 3.58 -30.52
N SER B 162 -9.45 3.16 -30.07
CA SER B 162 -10.64 3.32 -30.88
C SER B 162 -10.99 4.80 -31.03
N SER B 163 -10.58 5.59 -30.05
CA SER B 163 -10.86 7.02 -30.05
C SER B 163 -9.78 7.84 -30.74
N GLN B 164 -8.51 7.57 -30.41
CA GLN B 164 -7.40 8.42 -30.86
C GLN B 164 -6.42 7.72 -31.82
N GLY B 165 -6.61 6.42 -32.03
CA GLY B 165 -5.70 5.66 -32.87
C GLY B 165 -5.81 6.00 -34.35
N LYS B 166 -4.65 6.20 -34.98
CA LYS B 166 -4.60 6.44 -36.43
C LYS B 166 -4.11 5.19 -37.17
N ARG B 167 -4.75 4.87 -38.29
CA ARG B 167 -4.41 3.67 -39.04
C ARG B 167 -3.18 3.93 -39.91
N VAL B 168 -2.12 3.18 -39.66
CA VAL B 168 -0.86 3.32 -40.39
C VAL B 168 -0.43 1.93 -40.87
N GLY B 169 -0.78 1.61 -42.11
CA GLY B 169 -0.66 0.24 -42.58
C GLY B 169 -1.65 -0.59 -41.81
N ASP B 170 -1.25 -1.80 -41.43
CA ASP B 170 -2.10 -2.66 -40.63
C ASP B 170 -1.79 -2.58 -39.13
N THR B 171 -1.55 -1.36 -38.65
CA THR B 171 -1.40 -1.09 -37.23
C THR B 171 -2.17 0.19 -36.89
N TYR B 172 -2.40 0.41 -35.61
CA TYR B 172 -2.92 1.69 -35.14
C TYR B 172 -1.88 2.38 -34.29
N GLU B 173 -1.74 3.68 -34.46
CA GLU B 173 -0.78 4.46 -33.69
C GLU B 173 -1.50 5.51 -32.88
N ILE B 174 -1.23 5.54 -31.58
CA ILE B 174 -1.72 6.60 -30.71
C ILE B 174 -0.55 7.51 -30.39
N THR B 175 -0.65 8.78 -30.76
CA THR B 175 0.39 9.74 -30.47
C THR B 175 0.16 10.36 -29.09
N MET B 176 1.03 10.02 -28.16
CA MET B 176 0.79 10.33 -26.76
C MET B 176 1.94 9.82 -25.90
N PRO B 177 2.51 10.70 -25.08
CA PRO B 177 3.54 10.28 -24.12
C PRO B 177 2.86 9.79 -22.85
N LEU B 178 2.58 8.50 -22.79
CA LEU B 178 1.87 7.94 -21.65
C LEU B 178 2.81 7.07 -20.83
N SER B 179 3.44 7.67 -19.83
CA SER B 179 4.43 6.97 -19.01
C SER B 179 3.83 5.81 -18.22
N GLN B 180 4.66 4.82 -17.89
CA GLN B 180 4.21 3.69 -17.08
C GLN B 180 3.65 4.15 -15.74
N LYS B 181 4.22 5.23 -15.20
CA LYS B 181 3.76 5.75 -13.92
C LYS B 181 2.35 6.32 -14.00
N SER B 182 2.09 7.09 -15.06
CA SER B 182 0.76 7.66 -15.27
C SER B 182 -0.30 6.58 -15.44
N ILE B 183 0.04 5.53 -16.18
CA ILE B 183 -0.87 4.41 -16.38
C ILE B 183 -1.24 3.80 -15.05
N GLY B 184 -0.25 3.67 -14.16
CA GLY B 184 -0.48 3.17 -12.83
C GLY B 184 -1.39 4.08 -12.02
N GLU B 185 -1.16 5.38 -12.09
CA GLU B 185 -1.92 6.36 -11.33
C GLU B 185 -3.36 6.49 -11.81
N ILE B 186 -3.58 6.25 -13.09
CA ILE B 186 -4.91 6.33 -13.68
C ILE B 186 -5.75 5.09 -13.38
N THR B 187 -5.12 3.92 -13.46
CA THR B 187 -5.86 2.66 -13.36
C THR B 187 -5.89 2.07 -11.95
N GLY B 188 -5.08 2.66 -11.06
CA GLY B 188 -4.96 2.15 -9.71
C GLY B 188 -4.19 0.85 -9.66
N VAL B 189 -3.10 0.79 -10.42
CA VAL B 189 -2.31 -0.43 -10.51
C VAL B 189 -0.85 -0.22 -10.15
N HIS B 190 -0.31 -1.14 -9.37
CA HIS B 190 1.07 -1.08 -8.90
C HIS B 190 2.06 -1.06 -10.07
N HIS B 191 3.09 -0.24 -9.95
CA HIS B 191 4.09 -0.07 -11.00
C HIS B 191 4.66 -1.38 -11.53
N VAL B 192 4.76 -2.39 -10.66
CA VAL B 192 5.37 -3.66 -11.02
C VAL B 192 4.44 -4.49 -11.91
N THR B 193 3.14 -4.37 -11.68
CA THR B 193 2.15 -5.09 -12.46
C THR B 193 2.00 -4.44 -13.83
N VAL B 194 2.16 -3.12 -13.88
CA VAL B 194 2.09 -2.37 -15.13
C VAL B 194 3.21 -2.78 -16.08
N SER B 195 4.43 -2.90 -15.55
CA SER B 195 5.56 -3.36 -16.34
C SER B 195 5.32 -4.77 -16.87
N ARG B 196 4.74 -5.62 -16.04
CA ARG B 196 4.42 -6.98 -16.43
C ARG B 196 3.43 -7.03 -17.58
N VAL B 197 2.34 -6.28 -17.43
CA VAL B 197 1.30 -6.23 -18.46
C VAL B 197 1.86 -5.79 -19.80
N LEU B 198 2.63 -4.71 -19.79
CA LEU B 198 3.20 -4.17 -21.02
C LEU B 198 4.19 -5.15 -21.67
N ALA B 199 4.99 -5.84 -20.86
CA ALA B 199 5.92 -6.82 -21.39
C ALA B 199 5.16 -8.00 -22.00
N SER B 200 4.05 -8.36 -21.38
CA SER B 200 3.18 -9.43 -21.88
C SER B 200 2.50 -9.04 -23.19
N LEU B 201 1.96 -7.82 -23.24
CA LEU B 201 1.32 -7.32 -24.45
C LEU B 201 2.30 -7.27 -25.63
N LYS B 202 3.55 -6.93 -25.32
CA LYS B 202 4.62 -6.89 -26.31
C LYS B 202 5.01 -8.30 -26.76
N ARG B 203 5.18 -9.19 -25.79
CA ARG B 203 5.58 -10.56 -26.06
C ARG B 203 4.59 -11.26 -27.00
N GLU B 204 3.31 -10.93 -26.87
CA GLU B 204 2.26 -11.59 -27.65
C GLU B 204 1.84 -10.81 -28.91
N ASN B 205 2.65 -9.83 -29.30
CA ASN B 205 2.43 -9.09 -30.54
C ASN B 205 1.08 -8.37 -30.60
N ILE B 206 0.63 -7.86 -29.45
CA ILE B 206 -0.65 -7.18 -29.40
C ILE B 206 -0.45 -5.67 -29.47
N LEU B 207 0.46 -5.17 -28.63
CA LEU B 207 0.67 -3.74 -28.48
C LEU B 207 2.09 -3.42 -28.02
N ASP B 208 2.70 -2.39 -28.62
CA ASP B 208 4.04 -1.95 -28.25
C ASP B 208 3.98 -0.51 -27.77
N LYS B 209 4.39 -0.29 -26.51
CA LYS B 209 4.25 1.02 -25.89
C LYS B 209 5.59 1.73 -25.82
N LYS B 210 5.87 2.56 -26.83
CA LYS B 210 7.12 3.33 -26.84
C LYS B 210 6.97 4.65 -26.08
N LYS B 211 8.00 5.50 -26.21
CA LYS B 211 8.06 6.76 -25.48
C LYS B 211 7.01 7.78 -25.91
N ASN B 212 6.94 8.03 -27.23
CA ASN B 212 6.04 9.03 -27.77
C ASN B 212 4.82 8.41 -28.43
N LYS B 213 4.85 7.10 -28.59
CA LYS B 213 3.82 6.41 -29.35
C LYS B 213 3.38 5.10 -28.72
N ILE B 214 2.15 4.72 -29.01
CA ILE B 214 1.64 3.39 -28.71
C ILE B 214 1.22 2.79 -30.03
N ILE B 215 1.75 1.61 -30.34
CA ILE B 215 1.45 0.95 -31.60
C ILE B 215 0.66 -0.31 -31.33
N VAL B 216 -0.58 -0.31 -31.81
CA VAL B 216 -1.45 -1.47 -31.63
C VAL B 216 -1.36 -2.38 -32.86
N TYR B 217 -0.94 -3.63 -32.62
CA TYR B 217 -0.76 -4.59 -33.70
C TYR B 217 -1.95 -5.52 -33.89
N ASN B 218 -2.74 -5.69 -32.83
CA ASN B 218 -3.86 -6.61 -32.85
C ASN B 218 -5.03 -6.02 -32.08
N LEU B 219 -5.77 -5.13 -32.73
CA LEU B 219 -6.89 -4.45 -32.08
C LEU B 219 -7.99 -5.44 -31.68
N GLY B 220 -8.19 -6.47 -32.48
CA GLY B 220 -9.19 -7.48 -32.19
C GLY B 220 -8.92 -8.19 -30.88
N GLU B 221 -7.68 -8.60 -30.65
CA GLU B 221 -7.33 -9.32 -29.44
C GLU B 221 -7.29 -8.39 -28.22
N LEU B 222 -6.82 -7.16 -28.42
CA LEU B 222 -6.82 -6.15 -27.37
C LEU B 222 -8.25 -5.89 -26.89
N LYS B 223 -9.17 -5.70 -27.83
CA LYS B 223 -10.56 -5.44 -27.51
C LYS B 223 -11.19 -6.62 -26.76
N HIS B 224 -11.00 -7.82 -27.30
CA HIS B 224 -11.50 -9.02 -26.65
C HIS B 224 -10.98 -9.13 -25.22
N LEU B 225 -9.68 -8.91 -25.04
CA LEU B 225 -9.05 -9.02 -23.74
C LEU B 225 -9.60 -7.99 -22.73
N SER B 226 -10.01 -6.84 -23.24
CA SER B 226 -10.48 -5.75 -22.38
C SER B 226 -11.92 -5.93 -21.94
N GLU B 227 -12.64 -6.85 -22.59
CA GLU B 227 -14.04 -7.09 -22.26
C GLU B 227 -14.19 -8.22 -21.25
N GLN B 228 -13.05 -8.77 -20.82
CA GLN B 228 -13.06 -9.84 -19.82
C GLN B 228 -14.00 -9.54 -18.66
#